data_7SSQ
#
_entry.id   7SSQ
#
_cell.length_a   113.940
_cell.length_b   113.940
_cell.length_c   308.490
_cell.angle_alpha   90.000
_cell.angle_beta   90.000
_cell.angle_gamma   120.000
#
_symmetry.space_group_name_H-M   'H 3 2'
#
loop_
_entity.id
_entity.type
_entity.pdbx_description
1 polymer GP1
2 polymer GP2
3 branched 2-acetamido-2-deoxy-beta-D-glucopyranose-(1-2)-alpha-D-mannopyranose-(1-6)-[alpha-D-mannopyranose-(1-3)]beta-D-mannopyranose-(1-4)-2-acetamido-2-deoxy-beta-D-glucopyranose-(1-4)-2-acetamido-2-deoxy-beta-D-glucopyranose
4 non-polymer 2-acetamido-2-deoxy-beta-D-glucopyranose
5 non-polymer [(4R)-4-amino-3,3-dimethylpiperidin-1-yl][(1S,3R,5R,6Z,7S)-3-phenyl-6-(2-phenylethylidene)adamantan-1-yl]methanone
6 non-polymer 1,2-ETHANEDIOL
7 non-polymer 'ACETATE ION'
8 water water
#
loop_
_entity_poly.entity_id
_entity_poly.type
_entity_poly.pdbx_seq_one_letter_code
_entity_poly.pdbx_strand_id
1 'polypeptide(L)'
;ETGRSIPLGVIHNSALQVSDVDKLVCRDKLSSTNQLRSVGLNLEGNGVATDVPSATKRWGFRSGVPPKVVNYEAGEWAEN
CYNLEIKKPDGSECLPAAPDGIRGFPRCRYVHKVSGTGPCAGDFAFHKEGAFFLYDRLASTVIYRGTTFAEGVVAFLILP
QAKKDFFSSHPLREPVNATEDPSSGYYSTTIRYQATGFGTNETEYLFEVDNLTYVQLESRFTPQFLLQLNETIYTSGKRS
NTTGKLIWKVNPEIDTTIGEWAFWETKKNLTRKIRSEELSFTVVSTHHQDTGEESASSGKLGLITNTIAGVAGLITGGRR
TRR(UNK)(UNK)(UNK)(UNK)(UNK)
;
A
2 'polypeptide(L)'
;EAIVNAQPKCNPNLHYWTTQDEGAAIGLAWIPYFGPAAEGIYIEGLMHNQDGLICGLRQLANETTQALQLFLRATTELRT
FSILNRKAIDFLLQRWGGTCHILGPDCCIEPADWTKNITDKIDQIIHDFVDGSGYIPEAPRDGQAYVRKDGEWVLLSTFL
GTHHHHHH
;
B
#
# COMPACT_ATOMS: atom_id res chain seq x y z
N SER A 5 -2.54 19.28 7.85
CA SER A 5 -3.53 18.22 8.09
C SER A 5 -2.96 16.86 7.77
N ILE A 6 -2.35 16.68 6.60
CA ILE A 6 -1.86 15.34 6.28
C ILE A 6 -0.67 15.05 7.17
N PRO A 7 -0.72 14.02 8.00
CA PRO A 7 0.36 13.78 8.96
C PRO A 7 1.65 13.37 8.28
N LEU A 8 2.74 13.70 8.95
CA LEU A 8 4.09 13.43 8.48
C LEU A 8 4.82 12.74 9.61
N GLY A 9 5.33 11.54 9.36
CA GLY A 9 5.99 10.77 10.40
C GLY A 9 7.46 11.17 10.53
N VAL A 10 7.91 11.30 11.78
CA VAL A 10 9.27 11.71 12.10
C VAL A 10 9.74 10.95 13.32
N ILE A 11 11.02 10.57 13.33
CA ILE A 11 11.60 9.85 14.46
C ILE A 11 12.14 10.86 15.48
N HIS A 12 11.63 10.79 16.71
CA HIS A 12 12.14 11.59 17.84
CA HIS A 12 12.14 11.58 17.83
C HIS A 12 12.23 10.67 19.05
N ASN A 13 13.35 10.76 19.78
CA ASN A 13 13.54 9.98 21.01
C ASN A 13 13.35 8.49 20.79
N SER A 14 13.91 7.99 19.68
CA SER A 14 13.95 6.57 19.36
C SER A 14 12.54 6.01 19.18
N ALA A 15 11.65 6.82 18.61
CA ALA A 15 10.29 6.38 18.38
C ALA A 15 9.70 7.20 17.25
N LEU A 16 8.81 6.57 16.48
CA LEU A 16 8.14 7.27 15.41
C LEU A 16 7.02 8.13 15.99
N GLN A 17 6.89 9.34 15.48
CA GLN A 17 5.81 10.22 15.92
CA GLN A 17 5.84 10.25 15.92
C GLN A 17 5.26 10.96 14.72
N VAL A 18 4.08 11.55 14.92
CA VAL A 18 3.46 12.45 13.96
C VAL A 18 3.97 13.86 14.22
N SER A 19 4.42 14.54 13.17
CA SER A 19 5.03 15.86 13.31
C SER A 19 3.97 16.92 13.64
N ASP A 20 4.26 17.74 14.67
CA ASP A 20 3.34 18.80 15.13
C ASP A 20 3.41 20.00 14.20
N VAL A 21 2.34 20.24 13.43
CA VAL A 21 2.35 21.34 12.46
C VAL A 21 2.37 22.70 13.16
N ASP A 22 1.96 22.76 14.42
CA ASP A 22 1.93 24.00 15.18
C ASP A 22 3.17 24.20 16.04
N LYS A 23 4.13 23.29 16.01
CA LYS A 23 5.37 23.39 16.77
C LYS A 23 6.56 23.20 15.85
N LEU A 24 7.53 24.11 15.95
CA LEU A 24 8.70 24.14 15.07
C LEU A 24 9.90 23.55 15.82
N VAL A 25 10.46 22.47 15.27
CA VAL A 25 11.68 21.87 15.81
C VAL A 25 12.84 22.28 14.89
N CYS A 26 13.58 23.30 15.29
CA CYS A 26 14.76 23.72 14.53
C CYS A 26 15.80 22.63 14.42
N ARG A 27 15.81 21.66 15.34
CA ARG A 27 16.76 20.56 15.30
C ARG A 27 16.47 19.61 14.14
N ASP A 28 15.21 19.47 13.74
CA ASP A 28 14.88 18.70 12.55
C ASP A 28 15.55 19.33 11.33
N LYS A 29 16.27 18.52 10.57
CA LYS A 29 17.00 18.99 9.40
C LYS A 29 16.47 18.28 8.15
N LEU A 30 15.93 19.05 7.21
CA LEU A 30 15.48 18.54 5.91
C LEU A 30 16.43 19.11 4.86
N SER A 31 17.41 18.33 4.43
CA SER A 31 18.42 18.89 3.55
C SER A 31 18.19 18.54 2.09
N SER A 32 17.20 17.70 1.77
CA SER A 32 16.77 17.55 0.39
C SER A 32 15.43 16.83 0.37
N THR A 33 14.71 16.99 -0.74
CA THR A 33 13.47 16.26 -0.95
C THR A 33 13.66 14.74 -0.95
N ASN A 34 14.90 14.25 -1.10
CA ASN A 34 15.16 12.82 -0.97
C ASN A 34 14.86 12.30 0.42
N GLN A 35 14.92 13.17 1.43
CA GLN A 35 14.62 12.73 2.79
C GLN A 35 13.15 12.51 3.02
N LEU A 36 12.30 12.86 2.08
CA LEU A 36 10.86 12.68 2.20
C LEU A 36 10.46 11.45 1.43
N ARG A 37 9.54 10.68 2.00
CA ARG A 37 9.19 9.42 1.39
C ARG A 37 7.70 9.17 1.58
N SER A 38 7.02 8.75 0.52
CA SER A 38 5.65 8.27 0.59
C SER A 38 5.68 6.76 0.46
N VAL A 39 4.95 6.07 1.33
CA VAL A 39 5.10 4.62 1.45
C VAL A 39 3.72 4.01 1.60
N GLY A 40 3.60 2.75 1.14
CA GLY A 40 2.36 2.03 1.24
C GLY A 40 2.49 0.81 2.13
N LEU A 41 1.59 0.67 3.09
CA LEU A 41 1.55 -0.44 4.02
C LEU A 41 0.32 -1.29 3.73
N ASN A 42 0.45 -2.61 3.83
CA ASN A 42 -0.62 -3.52 3.45
C ASN A 42 -1.54 -3.78 4.64
N LEU A 43 -2.86 -3.74 4.39
CA LEU A 43 -3.85 -4.09 5.41
C LEU A 43 -3.55 -5.44 6.04
N GLU A 44 -3.10 -6.39 5.22
CA GLU A 44 -2.62 -7.71 5.66
C GLU A 44 -1.81 -7.65 6.96
N GLY A 45 -0.91 -6.67 7.04
CA GLY A 45 0.02 -6.60 8.15
C GLY A 45 -0.61 -6.13 9.44
N ASN A 46 -1.86 -5.70 9.40
CA ASN A 46 -2.63 -5.35 10.59
C ASN A 46 -3.54 -6.47 11.04
N GLY A 47 -3.55 -7.61 10.35
CA GLY A 47 -4.32 -8.76 10.80
C GLY A 47 -5.69 -8.94 10.18
N VAL A 48 -6.03 -8.22 9.12
CA VAL A 48 -7.34 -8.41 8.50
C VAL A 48 -7.39 -9.77 7.80
N ALA A 49 -8.57 -10.39 7.79
CA ALA A 49 -8.76 -11.60 7.04
C ALA A 49 -8.56 -11.33 5.55
N THR A 50 -7.85 -12.24 4.89
CA THR A 50 -7.48 -12.07 3.50
C THR A 50 -8.15 -13.06 2.56
N ASP A 51 -8.85 -14.06 3.10
CA ASP A 51 -9.62 -14.95 2.24
C ASP A 51 -10.59 -14.14 1.37
N VAL A 52 -10.82 -14.65 0.17
CA VAL A 52 -11.65 -13.92 -0.79
C VAL A 52 -13.04 -13.58 -0.25
N PRO A 53 -13.76 -14.51 0.39
CA PRO A 53 -15.07 -14.10 0.95
C PRO A 53 -14.96 -12.91 1.91
N SER A 54 -14.00 -12.91 2.83
CA SER A 54 -13.90 -11.81 3.78
C SER A 54 -13.41 -10.54 3.11
N ALA A 55 -12.44 -10.67 2.20
CA ALA A 55 -11.88 -9.48 1.57
C ALA A 55 -12.91 -8.75 0.72
N THR A 56 -13.67 -9.48 -0.09
CA THR A 56 -14.58 -8.81 -1.01
C THR A 56 -15.73 -8.13 -0.29
N LYS A 57 -16.05 -8.53 0.94
CA LYS A 57 -17.06 -7.79 1.70
C LYS A 57 -16.56 -6.43 2.16
N ARG A 58 -15.27 -6.14 2.03
CA ARG A 58 -14.79 -4.81 2.35
C ARG A 58 -14.97 -3.82 1.20
N TRP A 59 -15.40 -4.26 0.01
CA TRP A 59 -15.49 -3.42 -1.18
C TRP A 59 -16.94 -3.28 -1.63
N GLY A 60 -17.28 -2.12 -2.17
CA GLY A 60 -18.65 -1.83 -2.53
C GLY A 60 -18.71 -0.81 -3.64
N PHE A 61 -19.83 -0.83 -4.37
CA PHE A 61 -20.05 0.04 -5.52
C PHE A 61 -20.80 1.30 -5.13
N ARG A 62 -20.39 2.42 -5.73
CA ARG A 62 -20.94 3.74 -5.40
C ARG A 62 -20.86 4.64 -6.62
N SER A 63 -21.92 5.39 -6.88
CA SER A 63 -21.91 6.41 -7.93
C SER A 63 -21.78 7.81 -7.32
N GLY A 64 -21.37 8.76 -8.16
CA GLY A 64 -21.35 10.16 -7.77
C GLY A 64 -20.03 10.63 -7.21
N VAL A 65 -19.08 9.75 -6.98
CA VAL A 65 -17.80 10.08 -6.36
C VAL A 65 -16.70 9.88 -7.40
N PRO A 66 -16.07 10.94 -7.89
CA PRO A 66 -14.96 10.77 -8.85
C PRO A 66 -13.79 10.03 -8.22
N PRO A 67 -13.23 9.06 -8.93
CA PRO A 67 -12.06 8.35 -8.40
C PRO A 67 -10.83 9.24 -8.30
N LYS A 68 -9.92 8.87 -7.40
CA LYS A 68 -8.74 9.66 -7.11
C LYS A 68 -7.55 8.73 -6.96
N VAL A 69 -6.40 9.19 -7.45
CA VAL A 69 -5.15 8.46 -7.43
C VAL A 69 -4.10 9.34 -6.77
N VAL A 70 -3.25 8.73 -5.95
CA VAL A 70 -2.10 9.39 -5.34
C VAL A 70 -0.93 8.42 -5.45
N ASN A 71 0.28 8.96 -5.68
CA ASN A 71 1.42 8.08 -5.83
C ASN A 71 2.07 7.78 -4.49
N TYR A 72 2.84 6.70 -4.47
CA TYR A 72 3.65 6.32 -3.33
C TYR A 72 4.87 5.64 -3.90
N GLU A 73 5.98 5.67 -3.16
CA GLU A 73 7.30 5.35 -3.71
C GLU A 73 7.81 3.99 -3.31
N ALA A 74 7.32 3.43 -2.19
CA ALA A 74 7.82 2.15 -1.69
C ALA A 74 6.65 1.40 -1.11
N GLY A 75 6.63 0.08 -1.33
CA GLY A 75 5.55 -0.76 -0.88
C GLY A 75 6.06 -2.01 -0.18
N GLU A 76 5.09 -2.80 0.30
CA GLU A 76 5.37 -3.98 1.10
C GLU A 76 5.05 -5.22 0.29
N TRP A 77 5.95 -6.21 0.29
CA TRP A 77 5.63 -7.48 -0.36
C TRP A 77 4.35 -8.05 0.24
N ALA A 78 3.42 -8.41 -0.63
CA ALA A 78 2.11 -8.89 -0.20
C ALA A 78 2.05 -10.40 -0.22
N GLU A 79 1.38 -10.96 0.78
CA GLU A 79 0.99 -12.36 0.70
C GLU A 79 -0.25 -12.51 -0.16
N ASN A 80 -1.19 -11.56 -0.11
CA ASN A 80 -2.45 -11.67 -0.83
C ASN A 80 -2.72 -10.43 -1.68
N CYS A 81 -2.96 -10.66 -2.96
CA CYS A 81 -3.47 -9.63 -3.84
C CYS A 81 -4.70 -10.16 -4.55
N TYR A 82 -5.42 -9.27 -5.23
CA TYR A 82 -6.68 -9.63 -5.86
C TYR A 82 -6.73 -9.02 -7.25
N ASN A 83 -7.45 -9.70 -8.13
CA ASN A 83 -7.53 -9.32 -9.54
C ASN A 83 -8.94 -9.70 -9.98
N LEU A 84 -9.77 -8.71 -10.33
CA LEU A 84 -11.21 -8.91 -10.46
C LEU A 84 -11.68 -8.73 -11.89
N GLU A 85 -12.45 -9.69 -12.40
CA GLU A 85 -13.16 -9.60 -13.68
C GLU A 85 -14.64 -9.83 -13.39
N ILE A 86 -15.37 -8.77 -13.06
CA ILE A 86 -16.77 -8.87 -12.68
C ILE A 86 -17.64 -8.23 -13.75
N LYS A 87 -18.67 -8.94 -14.18
CA LYS A 87 -19.66 -8.45 -15.12
C LYS A 87 -21.05 -8.47 -14.49
N LYS A 88 -21.95 -7.65 -15.02
CA LYS A 88 -23.36 -7.83 -14.68
C LYS A 88 -23.87 -9.08 -15.38
N PRO A 89 -25.02 -9.62 -14.94
CA PRO A 89 -25.59 -10.77 -15.65
C PRO A 89 -25.87 -10.53 -17.12
N ASP A 90 -25.99 -9.26 -17.55
CA ASP A 90 -26.22 -8.98 -18.96
C ASP A 90 -24.92 -8.86 -19.76
N GLY A 91 -23.77 -9.13 -19.13
CA GLY A 91 -22.49 -9.16 -19.82
C GLY A 91 -21.69 -7.87 -19.76
N SER A 92 -22.27 -6.76 -19.33
CA SER A 92 -21.54 -5.51 -19.32
C SER A 92 -20.51 -5.50 -18.19
N GLU A 93 -19.43 -4.76 -18.40
CA GLU A 93 -18.33 -4.73 -17.45
C GLU A 93 -18.69 -3.88 -16.23
N CYS A 94 -18.36 -4.39 -15.05
CA CYS A 94 -18.60 -3.68 -13.80
C CYS A 94 -17.47 -2.75 -13.40
N LEU A 95 -16.26 -2.97 -13.91
CA LEU A 95 -15.08 -2.25 -13.51
C LEU A 95 -14.44 -1.58 -14.71
N PRO A 96 -13.83 -0.42 -14.53
CA PRO A 96 -13.18 0.25 -15.66
C PRO A 96 -11.82 -0.35 -15.93
N ALA A 97 -11.44 -0.35 -17.22
CA ALA A 97 -10.09 -0.70 -17.61
C ALA A 97 -9.08 0.18 -16.86
N ALA A 98 -7.94 -0.41 -16.55
CA ALA A 98 -6.89 0.33 -15.88
C ALA A 98 -6.49 1.52 -16.74
N PRO A 99 -6.47 2.73 -16.20
CA PRO A 99 -5.95 3.88 -16.94
C PRO A 99 -4.49 3.67 -17.31
N ASP A 100 -4.07 4.39 -18.36
CA ASP A 100 -2.70 4.37 -18.84
C ASP A 100 -1.72 4.59 -17.69
N GLY A 101 -0.73 3.71 -17.58
CA GLY A 101 0.30 3.85 -16.57
C GLY A 101 -0.03 3.31 -15.21
N ILE A 102 -1.18 2.66 -15.04
CA ILE A 102 -1.51 1.99 -13.78
C ILE A 102 -1.32 0.50 -14.00
N ARG A 103 -0.26 -0.08 -13.42
CA ARG A 103 0.04 -1.50 -13.52
C ARG A 103 -0.27 -2.20 -12.19
N GLY A 104 -0.25 -3.52 -12.21
CA GLY A 104 -0.57 -4.29 -11.03
C GLY A 104 0.45 -4.11 -9.93
N PHE A 105 0.00 -4.32 -8.69
CA PHE A 105 0.89 -4.35 -7.55
C PHE A 105 2.04 -5.32 -7.80
N PRO A 106 3.28 -4.92 -7.55
CA PRO A 106 4.43 -5.66 -8.11
C PRO A 106 4.90 -6.86 -7.32
N ARG A 107 4.44 -7.10 -6.08
CA ARG A 107 4.95 -8.23 -5.27
C ARG A 107 3.79 -8.91 -4.55
N CYS A 108 3.35 -10.05 -5.09
CA CYS A 108 2.17 -10.76 -4.60
C CYS A 108 2.51 -12.23 -4.57
N ARG A 109 2.49 -12.84 -3.39
CA ARG A 109 2.71 -14.29 -3.31
C ARG A 109 1.56 -15.04 -3.98
N TYR A 110 0.34 -14.62 -3.70
CA TYR A 110 -0.86 -15.23 -4.24
C TYR A 110 -1.70 -14.13 -4.85
N VAL A 111 -2.13 -14.33 -6.10
CA VAL A 111 -3.06 -13.42 -6.76
C VAL A 111 -4.39 -14.13 -6.82
N HIS A 112 -5.37 -13.63 -6.09
CA HIS A 112 -6.71 -14.23 -6.10
C HIS A 112 -7.47 -13.62 -7.27
N LYS A 113 -7.57 -14.35 -8.37
CA LYS A 113 -8.20 -13.83 -9.58
C LYS A 113 -9.66 -14.28 -9.55
N VAL A 114 -10.56 -13.34 -9.34
CA VAL A 114 -11.98 -13.64 -9.15
C VAL A 114 -12.72 -13.21 -10.40
N SER A 115 -13.40 -14.16 -11.05
CA SER A 115 -14.23 -13.90 -12.21
C SER A 115 -15.67 -14.24 -11.89
N GLY A 116 -16.60 -13.46 -12.39
CA GLY A 116 -17.99 -13.81 -12.15
C GLY A 116 -18.89 -12.60 -12.32
N THR A 117 -20.02 -12.63 -11.62
CA THR A 117 -21.08 -11.67 -11.84
C THR A 117 -21.65 -11.16 -10.52
N GLY A 118 -22.20 -9.96 -10.58
CA GLY A 118 -22.94 -9.37 -9.49
C GLY A 118 -23.78 -8.26 -10.07
N PRO A 119 -24.60 -7.62 -9.25
CA PRO A 119 -25.43 -6.52 -9.77
C PRO A 119 -24.68 -5.22 -9.97
N CYS A 120 -23.57 -4.99 -9.25
CA CYS A 120 -22.71 -3.81 -9.44
C CYS A 120 -23.51 -2.52 -9.43
N ALA A 121 -24.14 -2.24 -8.29
CA ALA A 121 -25.09 -1.13 -8.20
C ALA A 121 -24.34 0.17 -7.90
N GLY A 122 -23.52 0.58 -8.86
CA GLY A 122 -22.72 1.79 -8.71
C GLY A 122 -21.59 1.88 -9.71
N ASP A 123 -21.14 3.10 -10.00
CA ASP A 123 -20.21 3.31 -11.11
C ASP A 123 -18.80 2.84 -10.78
N PHE A 124 -18.37 2.92 -9.53
CA PHE A 124 -17.02 2.50 -9.19
C PHE A 124 -17.06 1.68 -7.91
N ALA A 125 -16.06 0.83 -7.73
CA ALA A 125 -15.95 -0.01 -6.56
C ALA A 125 -14.92 0.62 -5.61
N PHE A 126 -15.37 0.92 -4.38
CA PHE A 126 -14.58 1.62 -3.39
C PHE A 126 -14.31 0.70 -2.21
N HIS A 127 -13.34 1.09 -1.37
CA HIS A 127 -13.07 0.38 -0.14
C HIS A 127 -13.99 0.93 0.94
N LYS A 128 -14.80 0.05 1.52
CA LYS A 128 -15.79 0.48 2.50
C LYS A 128 -15.19 0.96 3.81
N GLU A 129 -13.91 0.70 4.07
CA GLU A 129 -13.28 1.21 5.28
C GLU A 129 -12.38 2.41 4.98
N GLY A 130 -12.37 2.87 3.73
CA GLY A 130 -11.60 4.05 3.39
C GLY A 130 -10.16 3.77 3.02
N ALA A 131 -9.76 2.51 2.94
CA ALA A 131 -8.40 2.17 2.55
C ALA A 131 -8.26 2.37 1.05
N PHE A 132 -7.04 2.14 0.55
CA PHE A 132 -6.78 2.31 -0.87
C PHE A 132 -6.54 0.96 -1.52
N PHE A 133 -6.69 0.94 -2.84
CA PHE A 133 -6.24 -0.16 -3.65
C PHE A 133 -4.85 0.22 -4.14
N LEU A 134 -3.86 -0.56 -3.71
CA LEU A 134 -2.46 -0.27 -4.02
C LEU A 134 -2.12 -0.97 -5.32
N TYR A 135 -1.72 -0.20 -6.31
CA TYR A 135 -1.21 -0.75 -7.55
C TYR A 135 0.30 -0.50 -7.57
N ASP A 136 0.89 -0.49 -8.77
CA ASP A 136 2.32 -0.19 -8.92
C ASP A 136 2.63 1.28 -8.67
N ARG A 137 2.90 1.63 -7.40
CA ARG A 137 3.33 2.95 -6.97
C ARG A 137 2.27 4.02 -7.24
N LEU A 138 1.04 3.58 -7.45
CA LEU A 138 -0.13 4.42 -7.48
C LEU A 138 -1.17 3.77 -6.58
N ALA A 139 -1.76 4.56 -5.69
CA ALA A 139 -2.85 4.15 -4.82
C ALA A 139 -4.15 4.75 -5.33
N SER A 140 -5.17 3.94 -5.54
CA SER A 140 -6.42 4.50 -6.04
C SER A 140 -7.55 4.30 -5.04
N THR A 141 -8.56 5.16 -5.12
CA THR A 141 -9.75 4.94 -4.31
C THR A 141 -10.67 3.87 -4.89
N VAL A 142 -10.41 3.35 -6.12
CA VAL A 142 -11.32 2.41 -6.78
C VAL A 142 -10.55 1.24 -7.39
N ILE A 143 -11.33 0.22 -7.79
CA ILE A 143 -10.78 -1.02 -8.33
C ILE A 143 -10.85 -0.95 -9.85
N TYR A 144 -9.74 -1.28 -10.51
CA TYR A 144 -9.70 -1.38 -11.97
C TYR A 144 -9.84 -2.82 -12.41
N ARG A 145 -10.49 -3.00 -13.56
CA ARG A 145 -10.72 -4.32 -14.10
C ARG A 145 -9.40 -5.06 -14.32
N GLY A 146 -9.36 -6.33 -13.89
CA GLY A 146 -8.27 -7.20 -14.32
C GLY A 146 -6.90 -6.70 -13.92
N THR A 147 -6.80 -5.95 -12.84
CA THR A 147 -5.57 -5.30 -12.44
C THR A 147 -5.29 -5.70 -11.00
N THR A 148 -4.11 -6.27 -10.76
CA THR A 148 -3.78 -6.82 -9.46
C THR A 148 -3.49 -5.72 -8.45
N PHE A 149 -4.13 -5.79 -7.28
CA PHE A 149 -3.95 -4.79 -6.25
C PHE A 149 -3.81 -5.48 -4.90
N ALA A 150 -3.21 -4.76 -3.97
CA ALA A 150 -3.23 -5.09 -2.56
C ALA A 150 -3.97 -3.98 -1.83
N GLU A 151 -4.74 -4.35 -0.82
CA GLU A 151 -5.39 -3.37 0.03
C GLU A 151 -4.34 -2.78 0.95
N GLY A 152 -4.34 -1.46 1.06
CA GLY A 152 -3.37 -0.86 1.96
C GLY A 152 -3.65 0.60 2.19
N VAL A 153 -2.72 1.22 2.94
CA VAL A 153 -2.82 2.62 3.34
C VAL A 153 -1.46 3.29 3.15
N VAL A 154 -1.48 4.62 3.05
CA VAL A 154 -0.31 5.40 2.67
C VAL A 154 0.17 6.23 3.88
N ALA A 155 1.49 6.31 4.06
CA ALA A 155 2.09 7.21 5.03
C ALA A 155 3.16 8.06 4.35
N PHE A 156 3.49 9.17 5.02
CA PHE A 156 4.50 10.11 4.55
C PHE A 156 5.53 10.28 5.64
N LEU A 157 6.80 10.20 5.26
CA LEU A 157 7.89 10.17 6.24
C LEU A 157 8.91 11.23 5.91
N ILE A 158 9.54 11.78 6.93
CA ILE A 158 10.80 12.50 6.77
C ILE A 158 11.87 11.61 7.38
N LEU A 159 12.80 11.17 6.55
CA LEU A 159 13.84 10.26 7.02
C LEU A 159 14.90 11.01 7.82
N PRO A 160 15.61 10.32 8.71
CA PRO A 160 16.77 10.94 9.34
C PRO A 160 17.80 11.35 8.29
N GLN A 161 18.57 12.39 8.61
CA GLN A 161 19.56 12.88 7.65
C GLN A 161 20.65 11.83 7.39
N ALA A 162 21.19 11.24 8.45
CA ALA A 162 22.19 10.19 8.33
C ALA A 162 21.57 8.83 8.60
N GLY A 185 14.10 -15.32 -3.96
CA GLY A 185 13.59 -14.51 -5.04
C GLY A 185 12.10 -14.21 -4.96
N TYR A 186 11.49 -13.96 -6.12
CA TYR A 186 10.09 -13.56 -6.20
C TYR A 186 9.29 -14.63 -6.93
N TYR A 187 8.31 -15.21 -6.24
CA TYR A 187 7.40 -16.21 -6.80
C TYR A 187 5.99 -15.70 -6.63
N SER A 188 5.15 -15.93 -7.64
CA SER A 188 3.75 -15.53 -7.59
C SER A 188 2.91 -16.66 -8.14
N THR A 189 1.78 -16.90 -7.49
CA THR A 189 0.87 -17.96 -7.91
C THR A 189 -0.53 -17.39 -8.02
N THR A 190 -1.18 -17.64 -9.15
CA THR A 190 -2.52 -17.15 -9.37
C THR A 190 -3.50 -18.22 -8.94
N ILE A 191 -4.49 -17.83 -8.14
CA ILE A 191 -5.55 -18.73 -7.66
C ILE A 191 -6.86 -18.21 -8.23
N ARG A 192 -7.55 -19.05 -9.00
CA ARG A 192 -8.70 -18.60 -9.78
C ARG A 192 -10.00 -18.98 -9.08
N TYR A 193 -10.97 -18.07 -9.16
CA TYR A 193 -12.27 -18.29 -8.53
C TYR A 193 -13.38 -17.81 -9.46
N GLN A 194 -14.52 -18.48 -9.35
CA GLN A 194 -15.76 -18.00 -9.92
CA GLN A 194 -15.79 -18.05 -9.92
C GLN A 194 -16.68 -17.49 -8.82
N ALA A 195 -17.44 -16.46 -9.14
CA ALA A 195 -18.34 -15.84 -8.16
C ALA A 195 -19.68 -15.52 -8.79
N THR A 196 -20.74 -15.69 -8.01
CA THR A 196 -22.06 -15.17 -8.36
C THR A 196 -22.55 -14.29 -7.22
N GLY A 197 -23.45 -13.36 -7.55
CA GLY A 197 -23.87 -12.37 -6.57
C GLY A 197 -22.72 -11.59 -5.95
N PHE A 198 -21.71 -11.25 -6.75
CA PHE A 198 -20.58 -10.50 -6.24
C PHE A 198 -21.03 -9.16 -5.68
N GLY A 199 -20.39 -8.75 -4.59
CA GLY A 199 -20.71 -7.46 -3.99
C GLY A 199 -22.00 -7.39 -3.23
N THR A 200 -22.59 -8.53 -2.88
CA THR A 200 -23.82 -8.57 -2.11
C THR A 200 -23.60 -9.35 -0.84
N ASN A 201 -24.66 -9.41 -0.03
CA ASN A 201 -24.64 -10.21 1.19
C ASN A 201 -24.59 -11.70 0.90
N GLU A 202 -25.14 -12.13 -0.25
CA GLU A 202 -25.30 -13.54 -0.58
C GLU A 202 -24.42 -13.96 -1.76
N THR A 203 -23.11 -13.76 -1.64
CA THR A 203 -22.17 -14.12 -2.71
C THR A 203 -21.75 -15.58 -2.58
N GLU A 204 -21.54 -16.22 -3.73
CA GLU A 204 -21.12 -17.61 -3.80
C GLU A 204 -19.79 -17.68 -4.53
N TYR A 205 -18.83 -18.40 -3.96
CA TYR A 205 -17.48 -18.51 -4.51
C TYR A 205 -17.15 -19.97 -4.76
N LEU A 206 -16.60 -20.25 -5.94
CA LEU A 206 -16.06 -21.57 -6.26
C LEU A 206 -14.59 -21.41 -6.59
N PHE A 207 -13.76 -22.25 -5.97
CA PHE A 207 -12.36 -22.33 -6.35
C PHE A 207 -12.22 -23.21 -7.59
N GLU A 208 -11.47 -22.73 -8.59
CA GLU A 208 -11.43 -23.37 -9.89
C GLU A 208 -10.23 -24.32 -10.01
N VAL A 209 -10.51 -25.61 -10.24
CA VAL A 209 -9.46 -26.60 -10.42
C VAL A 209 -9.10 -26.76 -11.89
N ASP A 210 -10.10 -26.95 -12.75
CA ASP A 210 -9.97 -26.70 -14.19
C ASP A 210 -11.29 -26.11 -14.66
N ASN A 211 -11.46 -25.96 -15.98
CA ASN A 211 -12.65 -25.29 -16.49
C ASN A 211 -13.94 -26.02 -16.18
N LEU A 212 -13.87 -27.24 -15.64
CA LEU A 212 -15.07 -28.02 -15.33
C LEU A 212 -15.07 -28.61 -13.92
N THR A 213 -14.08 -28.28 -13.08
CA THR A 213 -13.97 -28.86 -11.75
C THR A 213 -13.79 -27.74 -10.74
N TYR A 214 -14.69 -27.68 -9.77
CA TYR A 214 -14.68 -26.59 -8.80
C TYR A 214 -14.85 -27.15 -7.40
N VAL A 215 -14.41 -26.36 -6.43
CA VAL A 215 -14.59 -26.66 -5.01
C VAL A 215 -15.33 -25.50 -4.37
N GLN A 216 -16.41 -25.82 -3.67
CA GLN A 216 -17.13 -24.84 -2.87
C GLN A 216 -16.15 -24.13 -1.96
N LEU A 217 -16.12 -22.80 -2.03
CA LEU A 217 -15.14 -22.04 -1.28
C LEU A 217 -15.69 -21.68 0.09
N GLU A 218 -14.87 -21.88 1.12
CA GLU A 218 -15.16 -21.46 2.48
CA GLU A 218 -15.18 -21.45 2.46
C GLU A 218 -14.11 -20.46 2.94
N SER A 219 -14.49 -19.59 3.87
CA SER A 219 -13.60 -18.56 4.35
C SER A 219 -12.33 -19.13 4.98
N ARG A 220 -12.43 -20.30 5.60
CA ARG A 220 -11.30 -20.85 6.34
C ARG A 220 -10.19 -21.39 5.45
N PHE A 221 -10.45 -21.58 4.15
CA PHE A 221 -9.45 -22.15 3.26
C PHE A 221 -8.33 -21.16 3.01
N THR A 222 -7.11 -21.54 3.35
CA THR A 222 -5.92 -20.75 3.08
C THR A 222 -5.44 -20.95 1.64
N PRO A 223 -4.62 -20.02 1.12
CA PRO A 223 -4.02 -20.26 -0.20
C PRO A 223 -3.28 -21.58 -0.29
N GLN A 224 -2.47 -21.90 0.73
CA GLN A 224 -1.72 -23.14 0.75
C GLN A 224 -2.65 -24.35 0.67
N PHE A 225 -3.75 -24.31 1.42
CA PHE A 225 -4.70 -25.42 1.37
C PHE A 225 -5.32 -25.54 -0.03
N LEU A 226 -5.66 -24.41 -0.65
CA LEU A 226 -6.28 -24.47 -1.97
C LEU A 226 -5.34 -25.08 -3.00
N LEU A 227 -4.04 -24.76 -2.90
CA LEU A 227 -3.07 -25.29 -3.87
C LEU A 227 -2.85 -26.78 -3.69
N GLN A 228 -2.86 -27.26 -2.43
CA GLN A 228 -2.76 -28.69 -2.19
C GLN A 228 -4.03 -29.42 -2.58
N LEU A 229 -5.19 -28.83 -2.27
CA LEU A 229 -6.46 -29.37 -2.72
C LEU A 229 -6.46 -29.55 -4.23
N ASN A 230 -6.01 -28.54 -4.96
CA ASN A 230 -5.91 -28.63 -6.41
C ASN A 230 -5.00 -29.78 -6.84
N GLU A 231 -3.81 -29.85 -6.24
CA GLU A 231 -2.82 -30.85 -6.68
C GLU A 231 -3.25 -32.26 -6.33
N THR A 232 -3.98 -32.46 -5.22
CA THR A 232 -4.46 -33.80 -4.93
C THR A 232 -5.70 -34.18 -5.74
N ILE A 233 -6.48 -33.20 -6.20
CA ILE A 233 -7.58 -33.51 -7.11
C ILE A 233 -7.02 -33.95 -8.47
N TYR A 234 -5.97 -33.30 -8.94
CA TYR A 234 -5.36 -33.66 -10.22
C TYR A 234 -4.76 -35.06 -10.18
N THR A 235 -4.13 -35.43 -9.06
CA THR A 235 -3.38 -36.68 -8.99
C THR A 235 -4.22 -37.86 -8.51
N SER A 236 -5.45 -37.64 -8.03
CA SER A 236 -6.35 -38.72 -7.67
C SER A 236 -7.49 -38.88 -8.67
N GLY A 237 -7.42 -38.22 -9.82
CA GLY A 237 -8.46 -38.37 -10.83
C GLY A 237 -9.82 -37.83 -10.45
N LYS A 238 -9.90 -36.87 -9.54
CA LYS A 238 -11.17 -36.28 -9.15
C LYS A 238 -11.61 -35.13 -10.06
N ARG A 239 -10.91 -34.92 -11.18
CA ARG A 239 -11.36 -33.95 -12.16
C ARG A 239 -12.57 -34.48 -12.91
N SER A 240 -13.32 -33.56 -13.51
CA SER A 240 -14.45 -33.96 -14.34
C SER A 240 -13.96 -34.72 -15.57
N ASN A 241 -14.62 -35.83 -15.89
CA ASN A 241 -14.35 -36.50 -17.16
C ASN A 241 -15.61 -36.59 -18.01
N THR A 242 -16.64 -35.85 -17.66
CA THR A 242 -17.76 -35.56 -18.54
C THR A 242 -17.52 -34.21 -19.21
N THR A 243 -18.50 -33.75 -19.97
CA THR A 243 -18.51 -32.38 -20.49
C THR A 243 -19.17 -31.41 -19.51
N GLY A 244 -19.68 -31.90 -18.38
CA GLY A 244 -20.39 -31.08 -17.43
C GLY A 244 -19.56 -30.66 -16.23
N LYS A 245 -20.12 -29.70 -15.49
CA LYS A 245 -19.43 -29.04 -14.39
C LYS A 245 -19.48 -29.93 -13.14
N LEU A 246 -18.32 -30.22 -12.58
CA LEU A 246 -18.22 -30.98 -11.34
C LEU A 246 -17.84 -30.04 -10.19
N ILE A 247 -18.62 -30.08 -9.12
CA ILE A 247 -18.38 -29.24 -7.94
C ILE A 247 -18.20 -30.14 -6.73
N TRP A 248 -17.16 -29.86 -5.94
CA TRP A 248 -16.83 -30.63 -4.75
C TRP A 248 -17.06 -29.80 -3.49
N LYS A 249 -17.42 -30.49 -2.40
CA LYS A 249 -17.49 -29.92 -1.07
C LYS A 249 -16.48 -30.61 -0.17
N VAL A 250 -16.04 -29.90 0.86
CA VAL A 250 -15.03 -30.38 1.80
C VAL A 250 -15.60 -30.29 3.22
N ASN A 251 -15.43 -31.35 4.01
CA ASN A 251 -15.98 -31.40 5.35
C ASN A 251 -14.98 -30.92 6.40
N PRO A 252 -13.70 -31.37 6.37
CA PRO A 252 -12.79 -30.78 7.35
C PRO A 252 -11.84 -29.75 6.72
N TRP A 261 -4.44 -17.15 13.60
CA TRP A 261 -3.02 -16.98 13.27
C TRP A 261 -2.80 -16.27 11.95
N ALA A 262 -1.93 -15.27 11.98
CA ALA A 262 -1.60 -14.49 10.80
C ALA A 262 -0.54 -15.20 9.97
N PHE A 263 -0.48 -14.84 8.68
CA PHE A 263 0.33 -15.60 7.72
C PHE A 263 1.81 -15.59 8.09
N TRP A 264 2.31 -14.53 8.71
CA TRP A 264 3.74 -14.44 9.05
C TRP A 264 4.11 -15.16 10.34
N GLU A 265 3.15 -15.72 11.07
CA GLU A 265 3.44 -16.32 12.38
C GLU A 265 3.00 -17.78 12.42
N UNK A 324 -23.25 -31.24 -6.94
CA UNK A 324 -22.14 -31.24 -5.98
C UNK A 324 -21.60 -32.65 -5.73
N UNK A 325 -21.03 -32.84 -4.54
CA UNK A 325 -20.41 -34.09 -4.09
C UNK A 325 -19.72 -33.79 -2.76
N UNK A 326 -18.85 -34.68 -2.30
CA UNK A 326 -18.18 -34.47 -1.02
C UNK A 326 -16.82 -35.18 -1.00
N UNK A 327 -16.00 -34.89 0.02
CA UNK A 327 -14.66 -35.49 0.11
C UNK A 327 -14.06 -35.27 1.50
N UNK A 328 -13.03 -36.05 1.82
CA UNK A 328 -12.32 -35.89 3.09
C UNK A 328 -10.85 -36.32 2.97
N GLU B 1 2.88 14.28 18.10
CA GLU B 1 1.95 13.40 18.79
C GLU B 1 2.45 11.96 18.67
N ALA B 2 2.46 11.25 19.79
CA ALA B 2 2.97 9.89 19.79
C ALA B 2 2.01 8.96 19.04
N ILE B 3 2.56 7.87 18.53
CA ILE B 3 1.82 6.95 17.68
C ILE B 3 1.56 5.66 18.45
N VAL B 4 0.28 5.35 18.65
CA VAL B 4 -0.23 4.22 19.44
C VAL B 4 -0.80 3.19 18.47
N ASN B 5 -0.04 2.16 18.10
CA ASN B 5 -0.59 1.08 17.26
C ASN B 5 -1.80 0.43 17.96
N ALA B 6 -2.96 0.52 17.32
CA ALA B 6 -4.23 0.04 17.88
C ALA B 6 -4.90 -0.98 16.96
N GLN B 7 -4.09 -1.72 16.20
CA GLN B 7 -4.52 -2.72 15.24
C GLN B 7 -4.66 -4.09 15.91
N PRO B 8 -5.48 -4.99 15.33
CA PRO B 8 -5.58 -6.33 15.94
C PRO B 8 -4.24 -7.07 15.92
N LYS B 9 -3.44 -6.87 14.88
CA LYS B 9 -2.11 -7.49 14.81
C LYS B 9 -1.13 -6.50 14.20
N CYS B 10 0.15 -6.78 14.41
CA CYS B 10 1.23 -6.07 13.71
C CYS B 10 2.21 -7.10 13.16
N ASN B 11 2.45 -7.05 11.85
CA ASN B 11 3.55 -7.83 11.31
C ASN B 11 4.82 -7.03 11.63
N PRO B 12 5.69 -7.52 12.54
CA PRO B 12 6.82 -6.68 12.98
C PRO B 12 7.92 -6.52 11.93
N ASN B 13 7.89 -7.25 10.83
CA ASN B 13 8.97 -7.21 9.85
C ASN B 13 8.45 -6.62 8.56
N LEU B 14 9.25 -5.79 7.93
CA LEU B 14 8.84 -5.05 6.73
C LEU B 14 9.70 -5.52 5.57
N HIS B 15 9.16 -6.41 4.75
CA HIS B 15 9.80 -6.83 3.51
C HIS B 15 9.28 -5.92 2.40
N TYR B 16 10.12 -5.00 1.91
CA TYR B 16 9.65 -3.92 1.05
C TYR B 16 10.27 -3.99 -0.34
N TRP B 17 9.61 -3.31 -1.29
CA TRP B 17 10.26 -2.96 -2.55
C TRP B 17 10.12 -1.47 -2.77
N THR B 18 10.99 -0.98 -3.63
CA THR B 18 10.96 0.39 -4.09
C THR B 18 11.88 0.44 -5.30
N THR B 19 12.17 1.65 -5.76
CA THR B 19 13.07 1.83 -6.88
C THR B 19 14.38 2.40 -6.38
N GLN B 20 15.48 1.98 -7.01
N GLN B 20 15.44 2.16 -7.17
CA GLN B 20 16.80 2.49 -6.65
CA GLN B 20 16.75 2.78 -7.02
C GLN B 20 16.95 3.90 -7.20
C GLN B 20 16.92 3.78 -8.16
N ASP B 21 17.12 4.87 -6.30
N ASP B 21 16.62 5.06 -7.88
CA ASP B 21 17.47 6.23 -6.67
CA ASP B 21 16.62 6.06 -8.96
C ASP B 21 18.84 6.53 -6.08
C ASP B 21 18.01 6.59 -9.25
N GLU B 22 19.81 6.83 -6.93
N GLU B 22 18.82 6.87 -8.21
CA GLU B 22 19.61 7.07 -8.38
CA GLU B 22 20.20 7.27 -8.44
C GLU B 22 19.67 5.86 -9.31
C GLU B 22 20.94 6.24 -9.28
N GLY B 23 20.63 4.97 -9.08
CA GLY B 23 20.93 3.89 -10.01
C GLY B 23 22.40 3.67 -10.29
N ALA B 24 23.04 4.64 -10.96
CA ALA B 24 24.37 4.48 -11.55
C ALA B 24 24.56 3.06 -12.07
N ALA B 25 23.95 2.77 -13.22
CA ALA B 25 23.84 1.39 -13.69
C ALA B 25 25.14 0.90 -14.28
N ILE B 26 25.15 -0.38 -14.65
CA ILE B 26 26.32 -1.02 -15.25
C ILE B 26 26.18 -0.96 -16.77
N GLY B 27 27.21 -0.42 -17.44
CA GLY B 27 27.20 -0.37 -18.89
C GLY B 27 26.02 0.44 -19.43
N LEU B 28 25.26 -0.19 -20.32
CA LEU B 28 24.17 0.45 -21.04
C LEU B 28 22.80 0.14 -20.45
N ALA B 29 22.75 -0.49 -19.27
CA ALA B 29 21.47 -0.83 -18.66
C ALA B 29 20.58 0.39 -18.39
N TRP B 30 21.14 1.61 -18.42
CA TRP B 30 20.31 2.79 -18.18
C TRP B 30 19.49 3.19 -19.40
N ILE B 31 19.89 2.71 -20.58
CA ILE B 31 19.19 2.99 -21.82
C ILE B 31 17.85 2.27 -21.84
N PRO B 32 16.72 2.99 -22.01
CA PRO B 32 15.41 2.30 -22.00
C PRO B 32 15.34 1.11 -22.93
N TYR B 33 15.92 1.21 -24.12
CA TYR B 33 15.86 0.11 -25.09
C TYR B 33 16.47 -1.17 -24.53
N PHE B 34 17.55 -1.03 -23.76
CA PHE B 34 18.31 -2.19 -23.30
C PHE B 34 18.01 -2.58 -21.86
N GLY B 35 17.40 -1.70 -21.07
CA GLY B 35 17.27 -1.92 -19.65
C GLY B 35 16.15 -2.86 -19.25
N PRO B 36 15.89 -2.95 -17.95
CA PRO B 36 14.85 -3.87 -17.46
C PRO B 36 13.46 -3.47 -17.93
N ALA B 37 12.59 -4.48 -18.02
CA ALA B 37 11.17 -4.28 -18.22
C ALA B 37 10.54 -3.76 -16.92
N ALA B 38 9.25 -3.42 -17.01
CA ALA B 38 8.56 -2.85 -15.87
C ALA B 38 8.70 -3.73 -14.63
N GLU B 39 8.72 -5.06 -14.83
CA GLU B 39 8.82 -5.98 -13.71
C GLU B 39 10.20 -5.99 -13.06
N GLY B 40 11.24 -5.49 -13.74
CA GLY B 40 12.59 -5.65 -13.22
C GLY B 40 13.28 -4.41 -12.70
N ILE B 41 12.52 -3.37 -12.40
CA ILE B 41 13.12 -2.11 -11.95
C ILE B 41 13.20 -1.98 -10.43
N TYR B 42 12.82 -3.01 -9.69
CA TYR B 42 12.64 -2.90 -8.24
C TYR B 42 13.86 -3.41 -7.48
N ILE B 43 14.12 -2.80 -6.33
CA ILE B 43 15.01 -3.35 -5.32
C ILE B 43 14.15 -3.79 -4.15
N GLU B 44 14.75 -4.55 -3.24
CA GLU B 44 14.06 -5.05 -2.07
C GLU B 44 14.90 -4.82 -0.83
N GLY B 45 14.22 -4.78 0.31
CA GLY B 45 14.92 -4.75 1.57
C GLY B 45 14.04 -5.36 2.63
N LEU B 46 14.64 -5.55 3.81
CA LEU B 46 13.96 -6.13 4.95
C LEU B 46 14.31 -5.31 6.17
N MET B 47 13.30 -4.82 6.87
CA MET B 47 13.52 -4.02 8.06
C MET B 47 12.80 -4.64 9.23
N HIS B 48 13.47 -4.71 10.37
CA HIS B 48 12.87 -5.23 11.59
C HIS B 48 12.39 -4.08 12.47
N ASN B 49 11.73 -4.46 13.58
CA ASN B 49 10.95 -3.53 14.39
C ASN B 49 11.79 -2.82 15.45
N GLN B 50 13.04 -2.54 15.14
CA GLN B 50 13.87 -1.72 16.03
C GLN B 50 13.13 -0.42 16.36
N ASP B 51 13.17 -0.02 17.63
CA ASP B 51 12.51 1.19 18.12
C ASP B 51 11.01 1.18 17.86
N GLY B 52 10.43 0.01 17.61
CA GLY B 52 9.00 -0.07 17.32
C GLY B 52 8.58 0.59 16.03
N LEU B 53 9.53 0.88 15.13
CA LEU B 53 9.21 1.72 13.96
C LEU B 53 8.28 1.03 12.97
N ILE B 54 8.30 -0.30 12.85
CA ILE B 54 7.43 -0.93 11.86
C ILE B 54 5.97 -0.89 12.32
N CYS B 55 5.72 -1.33 13.56
CA CYS B 55 4.35 -1.24 14.09
C CYS B 55 3.89 0.22 14.18
N GLY B 56 4.80 1.13 14.53
CA GLY B 56 4.45 2.54 14.49
C GLY B 56 4.07 3.00 13.09
N LEU B 57 4.85 2.58 12.10
CA LEU B 57 4.56 2.94 10.72
C LEU B 57 3.21 2.40 10.25
N ARG B 58 2.88 1.15 10.61
CA ARG B 58 1.58 0.62 10.21
C ARG B 58 0.44 1.47 10.77
N GLN B 59 0.60 1.96 12.01
CA GLN B 59 -0.43 2.77 12.63
C GLN B 59 -0.45 4.16 12.04
N LEU B 60 0.73 4.73 11.76
CA LEU B 60 0.80 6.01 11.08
C LEU B 60 0.08 5.98 9.72
N ALA B 61 0.31 4.94 8.93
CA ALA B 61 -0.38 4.85 7.64
C ALA B 61 -1.88 4.79 7.84
N ASN B 62 -2.33 3.98 8.81
CA ASN B 62 -3.74 3.88 9.14
C ASN B 62 -4.35 5.25 9.47
N GLU B 63 -3.68 6.02 10.32
CA GLU B 63 -4.21 7.31 10.80
C GLU B 63 -4.05 8.43 9.79
N THR B 64 -3.18 8.27 8.80
CA THR B 64 -3.04 9.27 7.75
C THR B 64 -4.25 9.27 6.80
N THR B 65 -4.99 8.16 6.76
CA THR B 65 -5.94 7.93 5.68
C THR B 65 -7.03 8.99 5.64
N GLN B 66 -7.56 9.37 6.81
CA GLN B 66 -8.66 10.32 6.82
C GLN B 66 -8.25 11.66 6.21
N ALA B 67 -7.14 12.24 6.69
CA ALA B 67 -6.70 13.52 6.11
C ALA B 67 -6.33 13.36 4.63
N LEU B 68 -5.73 12.23 4.25
CA LEU B 68 -5.33 12.06 2.85
C LEU B 68 -6.55 11.90 1.95
N GLN B 69 -7.57 11.17 2.41
CA GLN B 69 -8.82 11.05 1.66
C GLN B 69 -9.52 12.39 1.54
N LEU B 70 -9.53 13.18 2.60
CA LEU B 70 -10.18 14.49 2.52
C LEU B 70 -9.43 15.41 1.57
N PHE B 71 -8.10 15.29 1.55
CA PHE B 71 -7.33 16.06 0.58
C PHE B 71 -7.68 15.59 -0.85
N LEU B 72 -7.79 14.29 -1.08
CA LEU B 72 -8.08 13.81 -2.44
C LEU B 72 -9.48 14.19 -2.88
N ARG B 73 -10.45 14.24 -1.95
CA ARG B 73 -11.80 14.63 -2.29
C ARG B 73 -11.85 16.06 -2.81
N ALA B 74 -11.02 16.94 -2.25
CA ALA B 74 -11.04 18.35 -2.60
C ALA B 74 -10.14 18.72 -3.79
N THR B 75 -9.21 17.87 -4.21
CA THR B 75 -8.46 18.20 -5.41
C THR B 75 -9.22 17.75 -6.65
N THR B 76 -9.05 18.50 -7.75
CA THR B 76 -9.59 18.14 -9.05
C THR B 76 -8.54 17.46 -9.90
N GLU B 77 -7.34 17.31 -9.37
CA GLU B 77 -6.26 16.63 -10.06
C GLU B 77 -6.51 15.12 -10.01
N LEU B 78 -6.37 14.45 -11.16
CA LEU B 78 -6.72 13.03 -11.23
C LEU B 78 -5.71 12.17 -10.49
N ARG B 79 -4.43 12.45 -10.70
CA ARG B 79 -3.32 11.77 -10.04
C ARG B 79 -2.48 12.82 -9.35
N THR B 80 -2.27 12.67 -8.04
CA THR B 80 -1.54 13.65 -7.25
C THR B 80 -0.12 13.15 -7.01
N PHE B 81 0.85 13.92 -7.52
CA PHE B 81 2.28 13.62 -7.34
C PHE B 81 3.00 14.65 -6.48
N SER B 82 2.33 15.70 -6.04
CA SER B 82 3.00 16.88 -5.48
C SER B 82 2.95 16.98 -3.95
N ILE B 83 2.44 15.97 -3.24
CA ILE B 83 2.31 16.10 -1.78
C ILE B 83 3.66 16.31 -1.11
N LEU B 84 4.68 15.54 -1.50
CA LEU B 84 5.97 15.69 -0.80
C LEU B 84 6.65 17.01 -1.14
N ASN B 85 6.57 17.45 -2.39
CA ASN B 85 7.15 18.75 -2.72
C ASN B 85 6.47 19.85 -1.92
N ARG B 86 5.14 19.79 -1.80
CA ARG B 86 4.43 20.83 -1.06
C ARG B 86 4.78 20.79 0.43
N LYS B 87 4.94 19.59 1.00
CA LYS B 87 5.40 19.49 2.38
C LYS B 87 6.77 20.10 2.55
N ALA B 88 7.68 19.87 1.59
CA ALA B 88 8.99 20.49 1.67
C ALA B 88 8.91 22.01 1.57
N ILE B 89 8.01 22.51 0.72
CA ILE B 89 7.81 23.96 0.67
C ILE B 89 7.28 24.48 2.00
N ASP B 90 6.28 23.80 2.56
CA ASP B 90 5.71 24.22 3.85
C ASP B 90 6.76 24.15 4.97
N PHE B 91 7.65 23.16 4.91
CA PHE B 91 8.77 23.10 5.85
C PHE B 91 9.59 24.38 5.80
N LEU B 92 9.94 24.83 4.59
CA LEU B 92 10.71 26.05 4.43
C LEU B 92 9.93 27.30 4.82
N LEU B 93 8.64 27.37 4.46
CA LEU B 93 7.86 28.54 4.81
C LEU B 93 7.66 28.64 6.31
N GLN B 94 7.58 27.49 7.01
CA GLN B 94 7.41 27.52 8.46
C GLN B 94 8.58 28.22 9.13
N ARG B 95 9.79 28.02 8.59
CA ARG B 95 11.01 28.54 9.18
C ARG B 95 11.44 29.88 8.60
N TRP B 96 11.17 30.11 7.32
CA TRP B 96 11.73 31.22 6.57
C TRP B 96 10.66 32.06 5.88
N GLY B 97 9.38 31.83 6.18
CA GLY B 97 8.31 32.58 5.53
C GLY B 97 8.13 33.97 6.04
N GLY B 98 8.84 34.34 7.10
CA GLY B 98 8.79 35.69 7.63
C GLY B 98 10.17 36.12 8.09
N THR B 99 10.21 37.30 8.67
CA THR B 99 11.47 37.79 9.22
C THR B 99 11.97 36.87 10.32
N CYS B 100 13.24 36.51 10.26
CA CYS B 100 13.85 35.64 11.27
C CYS B 100 14.37 36.52 12.41
N HIS B 101 13.75 36.42 13.58
CA HIS B 101 14.18 37.18 14.75
C HIS B 101 15.19 36.35 15.53
N ILE B 102 16.46 36.74 15.47
CA ILE B 102 17.53 35.95 16.08
C ILE B 102 17.31 35.86 17.58
N LEU B 103 17.46 34.64 18.11
CA LEU B 103 17.20 34.19 19.46
C LEU B 103 15.71 33.98 19.69
N GLY B 104 14.88 34.24 18.68
CA GLY B 104 13.47 33.98 18.79
C GLY B 104 13.18 32.51 18.55
N PRO B 105 12.16 31.98 19.22
CA PRO B 105 11.88 30.54 19.11
C PRO B 105 11.58 30.05 17.70
N ASP B 106 11.02 30.89 16.82
CA ASP B 106 10.71 30.46 15.47
C ASP B 106 11.79 30.83 14.46
N CYS B 107 12.98 31.19 14.92
CA CYS B 107 14.08 31.55 14.02
C CYS B 107 15.22 30.56 14.20
N CYS B 108 15.48 29.76 13.17
CA CYS B 108 16.49 28.70 13.22
C CYS B 108 17.85 29.23 12.77
N ILE B 109 18.33 30.26 13.48
CA ILE B 109 19.63 30.88 13.24
C ILE B 109 20.44 30.74 14.51
N GLU B 110 21.55 30.00 14.43
CA GLU B 110 22.40 29.77 15.59
C GLU B 110 23.52 30.80 15.57
N PRO B 111 23.49 31.83 16.43
CA PRO B 111 24.55 32.84 16.43
C PRO B 111 25.74 32.51 17.31
N ALA B 112 25.81 31.31 17.90
CA ALA B 112 26.76 31.06 18.98
C ALA B 112 28.20 31.15 18.50
N ASP B 113 28.53 30.45 17.41
CA ASP B 113 29.91 30.46 16.90
C ASP B 113 30.39 31.87 16.60
N TRP B 114 29.47 32.79 16.29
CA TRP B 114 29.84 34.17 16.03
C TRP B 114 29.83 35.01 17.29
N THR B 115 28.99 34.68 18.28
CA THR B 115 29.08 35.34 19.58
C THR B 115 30.49 35.23 20.15
N LYS B 116 31.07 34.03 20.10
CA LYS B 116 32.45 33.84 20.52
C LYS B 116 33.44 34.60 19.65
N ASN B 117 33.09 34.91 18.40
CA ASN B 117 33.97 35.72 17.56
C ASN B 117 33.99 37.17 18.04
N ILE B 118 32.81 37.72 18.37
CA ILE B 118 32.75 39.10 18.83
C ILE B 118 33.32 39.23 20.25
N THR B 119 33.04 38.26 21.12
CA THR B 119 33.51 38.33 22.50
C THR B 119 35.03 38.22 22.58
N ASP B 120 35.62 37.31 21.80
CA ASP B 120 37.08 37.25 21.73
C ASP B 120 37.65 38.52 21.09
N LYS B 121 36.90 39.17 20.20
CA LYS B 121 37.35 40.43 19.63
C LYS B 121 37.23 41.56 20.64
N ILE B 122 36.31 41.45 21.59
CA ILE B 122 36.12 42.50 22.60
C ILE B 122 37.12 42.34 23.75
N ASP B 123 37.35 41.11 24.21
CA ASP B 123 38.38 40.87 25.21
C ASP B 123 39.74 41.38 24.74
N GLN B 124 40.03 41.22 23.44
CA GLN B 124 41.27 41.74 22.88
C GLN B 124 41.27 43.27 22.88
N ILE B 125 40.15 43.89 22.49
CA ILE B 125 40.08 45.35 22.46
C ILE B 125 40.18 45.93 23.86
N ILE B 126 39.63 45.25 24.86
CA ILE B 126 39.71 45.74 26.24
C ILE B 126 41.14 45.61 26.77
N HIS B 127 41.78 44.47 26.53
CA HIS B 127 43.15 44.24 26.98
C HIS B 127 44.13 45.18 26.31
#